data_7W6F
#
_entry.id   7W6F
#
_cell.length_a   32.849
_cell.length_b   39.317
_cell.length_c   43.005
_cell.angle_alpha   70.909
_cell.angle_beta   76.378
_cell.angle_gamma   67.383
#
_symmetry.space_group_name_H-M   'P 1'
#
loop_
_entity.id
_entity.type
_entity.pdbx_description
1 polymer 'Olivetolic acid cyclase'
2 non-polymer '2-nonyl-4,6-bis(oxidanyl)benzoic acid'
3 non-polymer GLYCEROL
4 water water
#
_entity_poly.entity_id   1
_entity_poly.type   'polypeptide(L)'
_entity_poly.pdbx_seq_one_letter_code
;GPGMAVKHLIVLKFKDEITEAQKEEFIKTYVNLVNIIPAMKDVYWGKDVTQKNKEEGYTHIVEVTFESVETIQDYIIHPA
HVGFGDVYRSFWEKLLIFDYTPRK
;
_entity_poly.pdbx_strand_id   A,B
#
# COMPACT_ATOMS: atom_id res chain seq x y z
N GLY A 1 -7.33 -5.73 19.02
CA GLY A 1 -8.11 -6.97 19.31
C GLY A 1 -7.19 -8.09 19.72
N PRO A 2 -7.73 -9.30 19.87
CA PRO A 2 -6.90 -10.41 20.37
C PRO A 2 -5.87 -10.94 19.39
N GLY A 3 -6.14 -10.90 18.09
CA GLY A 3 -5.20 -11.41 17.13
C GLY A 3 -4.15 -10.39 16.74
N MET A 4 -2.95 -10.86 16.46
CA MET A 4 -1.89 -10.02 15.95
C MET A 4 -1.68 -10.34 14.49
N ALA A 5 -1.35 -9.32 13.72
CA ALA A 5 -1.15 -9.50 12.30
C ALA A 5 -0.12 -8.50 11.81
N VAL A 6 0.54 -8.85 10.72
CA VAL A 6 1.43 -7.98 10.00
C VAL A 6 0.99 -8.02 8.55
N LYS A 7 0.90 -6.85 7.94
CA LYS A 7 0.52 -6.76 6.54
C LYS A 7 1.76 -6.72 5.65
N HIS A 8 1.76 -7.57 4.63
CA HIS A 8 2.76 -7.59 3.58
C HIS A 8 2.11 -6.93 2.36
N LEU A 9 2.62 -5.76 1.99
CA LEU A 9 2.08 -4.95 0.90
C LEU A 9 3.06 -4.96 -0.26
N ILE A 10 2.57 -5.27 -1.45
CA ILE A 10 3.38 -5.24 -2.67
C ILE A 10 2.72 -4.29 -3.66
N VAL A 11 3.53 -3.39 -4.22
CA VAL A 11 3.14 -2.49 -5.30
C VAL A 11 3.90 -2.90 -6.54
N LEU A 12 3.22 -2.99 -7.68
CA LEU A 12 3.83 -3.60 -8.84
C LEU A 12 3.51 -2.83 -10.12
N LYS A 13 4.50 -2.83 -11.01
CA LYS A 13 4.34 -2.37 -12.40
C LYS A 13 4.73 -3.51 -13.32
N PHE A 14 3.82 -3.89 -14.22
CA PHE A 14 4.14 -4.88 -15.23
C PHE A 14 4.93 -4.23 -16.36
N LYS A 15 5.73 -5.04 -17.04
CA LYS A 15 6.35 -4.54 -18.25
C LYS A 15 5.28 -4.18 -19.28
N ASP A 16 5.61 -3.20 -20.13
CA ASP A 16 4.62 -2.60 -21.01
C ASP A 16 4.01 -3.61 -21.98
N GLU A 17 4.78 -4.61 -22.41
CA GLU A 17 4.29 -5.53 -23.44
C GLU A 17 3.46 -6.68 -22.89
N ILE A 18 3.40 -6.83 -21.56
CA ILE A 18 2.63 -7.91 -20.95
C ILE A 18 1.15 -7.71 -21.25
N THR A 19 0.49 -8.78 -21.68
CA THR A 19 -0.91 -8.69 -22.07
C THR A 19 -1.80 -8.79 -20.83
N GLU A 20 -3.06 -8.36 -20.99
CA GLU A 20 -4.02 -8.55 -19.91
C GLU A 20 -4.22 -10.03 -19.60
N ALA A 21 -4.21 -10.87 -20.62
CA ALA A 21 -4.31 -12.31 -20.41
C ALA A 21 -3.15 -12.81 -19.55
N GLN A 22 -1.93 -12.33 -19.84
CA GLN A 22 -0.78 -12.70 -19.03
C GLN A 22 -0.91 -12.20 -17.61
N LYS A 23 -1.35 -10.95 -17.43
CA LYS A 23 -1.55 -10.44 -16.07
C LYS A 23 -2.54 -11.31 -15.31
N GLU A 24 -3.63 -11.71 -15.97
CA GLU A 24 -4.62 -12.57 -15.33
C GLU A 24 -4.00 -13.89 -14.87
N GLU A 25 -3.19 -14.51 -15.72
CA GLU A 25 -2.55 -15.78 -15.33
C GLU A 25 -1.60 -15.57 -14.16
N PHE A 26 -0.77 -14.53 -14.24
CA PHE A 26 0.11 -14.13 -13.15
C PHE A 26 -0.64 -13.96 -11.84
N ILE A 27 -1.72 -13.20 -11.86
CA ILE A 27 -2.45 -12.90 -10.62
C ILE A 27 -3.14 -14.16 -10.09
N LYS A 28 -3.76 -14.95 -10.98
N LYS A 28 -3.76 -14.95 -10.98
CA LYS A 28 -4.38 -16.19 -10.53
CA LYS A 28 -4.39 -16.19 -10.51
C LYS A 28 -3.37 -17.09 -9.83
C LYS A 28 -3.38 -17.10 -9.82
N THR A 29 -2.19 -17.21 -10.41
CA THR A 29 -1.16 -18.07 -9.81
C THR A 29 -0.66 -17.49 -8.49
N TYR A 30 -0.53 -16.17 -8.41
CA TYR A 30 -0.08 -15.57 -7.16
C TYR A 30 -1.11 -15.78 -6.05
N VAL A 31 -2.38 -15.47 -6.30
CA VAL A 31 -3.36 -15.59 -5.22
C VAL A 31 -3.57 -17.06 -4.86
N ASN A 32 -3.30 -17.98 -5.79
CA ASN A 32 -3.38 -19.41 -5.48
C ASN A 32 -2.35 -19.84 -4.46
N LEU A 33 -1.30 -19.05 -4.23
CA LEU A 33 -0.28 -19.44 -3.26
C LEU A 33 -0.89 -19.66 -1.88
N VAL A 34 -2.08 -19.09 -1.60
CA VAL A 34 -2.69 -19.35 -0.30
C VAL A 34 -2.96 -20.84 -0.12
N ASN A 35 -3.14 -21.59 -1.23
CA ASN A 35 -3.39 -23.02 -1.19
C ASN A 35 -2.11 -23.83 -1.11
N ILE A 36 -0.98 -23.15 -1.03
CA ILE A 36 0.33 -23.79 -1.03
C ILE A 36 1.14 -23.36 0.19
N ILE A 37 1.10 -22.09 0.54
CA ILE A 37 1.92 -21.51 1.60
C ILE A 37 1.01 -21.20 2.77
N PRO A 38 0.99 -22.02 3.83
CA PRO A 38 -0.01 -21.83 4.88
C PRO A 38 0.16 -20.52 5.62
N ALA A 39 1.35 -19.94 5.64
CA ALA A 39 1.53 -18.65 6.32
C ALA A 39 0.61 -17.57 5.75
N MET A 40 0.20 -17.67 4.48
CA MET A 40 -0.58 -16.59 3.86
C MET A 40 -2.04 -16.68 4.32
N LYS A 41 -2.49 -15.72 5.13
CA LYS A 41 -3.82 -15.87 5.73
C LYS A 41 -4.94 -15.22 4.92
N ASP A 42 -4.64 -14.09 4.28
CA ASP A 42 -5.57 -13.36 3.45
C ASP A 42 -4.80 -12.83 2.26
N VAL A 43 -5.45 -12.72 1.09
CA VAL A 43 -4.88 -11.96 -0.03
C VAL A 43 -5.97 -11.13 -0.68
N TYR A 44 -5.76 -9.81 -0.73
CA TYR A 44 -6.64 -8.89 -1.44
C TYR A 44 -5.78 -8.05 -2.36
N TRP A 45 -6.27 -7.78 -3.57
CA TRP A 45 -5.50 -6.96 -4.50
C TRP A 45 -6.42 -6.01 -5.24
N GLY A 46 -5.80 -5.04 -5.88
CA GLY A 46 -6.57 -4.10 -6.69
C GLY A 46 -5.69 -3.43 -7.71
N LYS A 47 -6.35 -2.80 -8.68
CA LYS A 47 -5.69 -2.02 -9.70
C LYS A 47 -5.99 -0.55 -9.48
N ASP A 48 -4.93 0.27 -9.49
CA ASP A 48 -5.08 1.70 -9.30
C ASP A 48 -5.94 2.29 -10.42
N VAL A 49 -6.85 3.20 -10.06
CA VAL A 49 -7.73 3.81 -11.05
C VAL A 49 -7.46 5.29 -11.28
N THR A 50 -6.65 5.93 -10.45
CA THR A 50 -6.50 7.39 -10.52
C THR A 50 -5.22 7.84 -11.22
N GLN A 51 -4.18 7.01 -11.23
CA GLN A 51 -2.95 7.32 -11.96
C GLN A 51 -2.29 8.61 -11.47
N LYS A 52 -2.27 8.80 -10.16
CA LYS A 52 -1.67 10.01 -9.59
C LYS A 52 -0.16 10.05 -9.76
N ASN A 53 0.49 8.88 -9.88
CA ASN A 53 1.92 8.80 -10.17
C ASN A 53 2.10 8.04 -11.49
N LYS A 54 1.46 8.53 -12.55
CA LYS A 54 1.49 7.81 -13.82
C LYS A 54 2.90 7.61 -14.33
N GLU A 55 3.78 8.58 -14.10
CA GLU A 55 5.13 8.48 -14.62
C GLU A 55 5.89 7.33 -13.98
N GLU A 56 5.66 7.07 -12.69
CA GLU A 56 6.32 5.94 -12.04
C GLU A 56 5.73 4.62 -12.53
N GLY A 57 4.43 4.60 -12.78
CA GLY A 57 3.82 3.54 -13.55
C GLY A 57 3.29 2.35 -12.78
N TYR A 58 3.44 2.33 -11.44
CA TYR A 58 2.83 1.26 -10.66
C TYR A 58 1.32 1.23 -10.87
N THR A 59 0.77 0.01 -11.02
CA THR A 59 -0.65 -0.14 -11.31
C THR A 59 -1.35 -1.10 -10.34
N HIS A 60 -0.61 -2.05 -9.77
CA HIS A 60 -1.24 -3.10 -8.98
C HIS A 60 -0.74 -3.09 -7.54
N ILE A 61 -1.67 -3.34 -6.63
CA ILE A 61 -1.41 -3.39 -5.20
C ILE A 61 -1.97 -4.71 -4.66
N VAL A 62 -1.17 -5.43 -3.87
CA VAL A 62 -1.67 -6.61 -3.19
C VAL A 62 -1.32 -6.51 -1.71
N GLU A 63 -2.29 -6.87 -0.87
CA GLU A 63 -2.15 -6.88 0.57
C GLU A 63 -2.30 -8.31 1.05
N VAL A 64 -1.29 -8.82 1.77
CA VAL A 64 -1.32 -10.18 2.30
C VAL A 64 -1.18 -10.11 3.80
N THR A 65 -2.12 -10.74 4.52
CA THR A 65 -2.09 -10.74 5.97
C THR A 65 -1.33 -11.94 6.50
N PHE A 66 -0.41 -11.70 7.44
CA PHE A 66 0.35 -12.74 8.09
C PHE A 66 0.26 -12.60 9.61
N GLU A 67 0.59 -13.68 10.31
CA GLU A 67 0.58 -13.64 11.77
C GLU A 67 1.75 -12.84 12.34
N SER A 68 2.91 -12.87 11.69
CA SER A 68 4.11 -12.26 12.24
C SER A 68 5.14 -12.07 11.14
N VAL A 69 6.19 -11.31 11.44
CA VAL A 69 7.28 -11.19 10.48
C VAL A 69 7.97 -12.54 10.29
N GLU A 70 7.92 -13.41 11.30
CA GLU A 70 8.54 -14.73 11.15
C GLU A 70 7.81 -15.58 10.13
N THR A 71 6.46 -15.52 10.11
CA THR A 71 5.78 -16.29 9.08
C THR A 71 5.91 -15.62 7.71
N ILE A 72 6.10 -14.30 7.67
CA ILE A 72 6.40 -13.65 6.39
C ILE A 72 7.70 -14.22 5.83
N GLN A 73 8.70 -14.41 6.69
CA GLN A 73 9.96 -14.99 6.23
C GLN A 73 9.73 -16.40 5.67
N ASP A 74 8.86 -17.18 6.32
CA ASP A 74 8.56 -18.52 5.81
C ASP A 74 7.97 -18.45 4.41
N TYR A 75 7.11 -17.47 4.17
CA TYR A 75 6.55 -17.27 2.84
C TYR A 75 7.63 -16.88 1.84
N ILE A 76 8.54 -15.97 2.23
CA ILE A 76 9.55 -15.49 1.30
C ILE A 76 10.42 -16.65 0.81
N ILE A 77 10.83 -17.53 1.72
CA ILE A 77 11.76 -18.60 1.37
C ILE A 77 11.05 -19.88 0.98
N HIS A 78 9.72 -19.89 0.97
CA HIS A 78 9.02 -21.10 0.57
C HIS A 78 9.39 -21.42 -0.88
N PRO A 79 9.60 -22.70 -1.21
CA PRO A 79 9.95 -23.02 -2.61
C PRO A 79 8.94 -22.54 -3.62
N ALA A 80 7.65 -22.49 -3.28
CA ALA A 80 6.66 -22.02 -4.23
C ALA A 80 6.80 -20.51 -4.46
N HIS A 81 7.26 -19.78 -3.45
CA HIS A 81 7.49 -18.35 -3.64
C HIS A 81 8.74 -18.12 -4.50
N VAL A 82 9.82 -18.85 -4.21
CA VAL A 82 10.99 -18.82 -5.08
C VAL A 82 10.61 -19.22 -6.50
N GLY A 83 9.79 -20.26 -6.65
CA GLY A 83 9.40 -20.73 -7.97
C GLY A 83 8.53 -19.73 -8.70
N PHE A 84 7.64 -19.06 -7.98
CA PHE A 84 6.84 -17.99 -8.61
C PHE A 84 7.77 -16.94 -9.23
N GLY A 85 8.80 -16.54 -8.49
CA GLY A 85 9.77 -15.61 -9.06
C GLY A 85 10.49 -16.19 -10.24
N ASP A 86 10.90 -17.47 -10.14
CA ASP A 86 11.57 -18.12 -11.26
C ASP A 86 10.77 -17.94 -12.55
N VAL A 87 9.45 -18.21 -12.49
N VAL A 87 9.47 -18.20 -12.49
CA VAL A 87 8.64 -18.24 -13.70
CA VAL A 87 8.65 -18.23 -13.70
C VAL A 87 8.15 -16.85 -14.10
C VAL A 87 8.16 -16.84 -14.11
N TYR A 88 7.89 -15.97 -13.14
CA TYR A 88 7.17 -14.73 -13.42
C TYR A 88 7.95 -13.44 -13.17
N ARG A 89 9.19 -13.52 -12.68
CA ARG A 89 9.97 -12.30 -12.49
C ARG A 89 10.06 -11.51 -13.78
N SER A 90 10.11 -12.18 -14.93
CA SER A 90 10.24 -11.47 -16.19
C SER A 90 9.00 -10.65 -16.53
N PHE A 91 7.90 -10.80 -15.78
CA PHE A 91 6.70 -10.06 -16.11
C PHE A 91 6.68 -8.65 -15.50
N TRP A 92 7.41 -8.42 -14.40
CA TRP A 92 7.30 -7.13 -13.73
C TRP A 92 8.50 -6.25 -14.06
N GLU A 93 8.24 -4.95 -14.18
CA GLU A 93 9.27 -3.95 -14.37
C GLU A 93 9.82 -3.48 -13.04
N LYS A 94 8.95 -3.27 -12.06
CA LYS A 94 9.47 -2.93 -10.74
C LYS A 94 8.43 -3.25 -9.69
N LEU A 95 8.93 -3.35 -8.47
CA LEU A 95 8.16 -3.69 -7.29
C LEU A 95 8.55 -2.77 -6.15
N LEU A 96 7.64 -2.62 -5.19
CA LEU A 96 7.92 -2.10 -3.87
C LEU A 96 7.32 -3.08 -2.86
N ILE A 97 8.10 -3.41 -1.82
CA ILE A 97 7.70 -4.37 -0.79
C ILE A 97 7.67 -3.65 0.56
N PHE A 98 6.59 -3.84 1.32
CA PHE A 98 6.47 -3.28 2.65
C PHE A 98 5.91 -4.31 3.61
N ASP A 99 6.37 -4.25 4.86
CA ASP A 99 5.81 -5.07 5.94
C ASP A 99 5.56 -4.16 7.12
N TYR A 100 4.31 -4.13 7.60
CA TYR A 100 3.97 -3.20 8.66
C TYR A 100 2.74 -3.68 9.40
N THR A 101 2.63 -3.22 10.64
N THR A 101 2.60 -3.20 10.63
CA THR A 101 1.44 -3.45 11.43
CA THR A 101 1.43 -3.47 11.44
C THR A 101 0.55 -2.23 11.34
C THR A 101 0.52 -2.26 11.40
N PRO A 102 -0.64 -2.33 10.75
CA PRO A 102 -1.51 -1.14 10.67
C PRO A 102 -2.04 -0.80 12.04
N ARG A 103 -2.08 0.50 12.32
CA ARG A 103 -2.57 0.99 13.59
C ARG A 103 -3.31 2.29 13.37
N LYS A 104 -4.07 2.70 14.37
CA LYS A 104 -4.81 3.95 14.30
C LYS A 104 -4.00 5.12 14.84
N GLY B 1 -20.05 -7.40 3.55
CA GLY B 1 -21.25 -6.84 2.88
C GLY B 1 -20.95 -6.60 1.43
N PRO B 2 -21.99 -6.26 0.66
CA PRO B 2 -21.81 -6.13 -0.80
C PRO B 2 -21.18 -4.81 -1.24
N GLY B 3 -20.85 -3.92 -0.31
CA GLY B 3 -20.44 -2.58 -0.70
C GLY B 3 -19.20 -2.55 -1.57
N MET B 4 -19.11 -1.52 -2.40
CA MET B 4 -18.01 -1.31 -3.35
C MET B 4 -17.33 0.01 -3.05
N ALA B 5 -16.55 0.06 -1.97
CA ALA B 5 -15.84 1.25 -1.55
C ALA B 5 -14.47 1.28 -2.22
N VAL B 6 -13.75 2.38 -2.03
CA VAL B 6 -12.45 2.55 -2.64
C VAL B 6 -11.43 2.90 -1.55
N LYS B 7 -10.27 2.25 -1.61
CA LYS B 7 -9.19 2.54 -0.69
C LYS B 7 -8.21 3.53 -1.32
N HIS B 8 -7.78 4.49 -0.50
CA HIS B 8 -6.77 5.49 -0.83
C HIS B 8 -5.52 5.09 -0.05
N LEU B 9 -4.45 4.78 -0.77
CA LEU B 9 -3.22 4.28 -0.18
C LEU B 9 -2.11 5.28 -0.46
N ILE B 10 -1.41 5.70 0.59
CA ILE B 10 -0.31 6.64 0.47
C ILE B 10 0.94 5.96 0.99
N VAL B 11 2.03 6.10 0.24
N VAL B 11 2.02 6.04 0.24
CA VAL B 11 3.35 5.60 0.60
CA VAL B 11 3.31 5.58 0.75
C VAL B 11 4.29 6.78 0.60
C VAL B 11 4.29 6.73 0.62
N LEU B 12 5.09 6.92 1.67
CA LEU B 12 5.84 8.14 1.90
C LEU B 12 7.24 7.89 2.44
N LYS B 13 8.20 8.70 1.98
CA LYS B 13 9.52 8.80 2.58
C LYS B 13 9.72 10.24 3.00
N PHE B 14 10.03 10.46 4.27
CA PHE B 14 10.34 11.78 4.77
C PHE B 14 11.76 12.17 4.38
N LYS B 15 12.01 13.48 4.34
CA LYS B 15 13.40 13.93 4.21
C LYS B 15 14.21 13.46 5.41
N ASP B 16 15.51 13.24 5.16
CA ASP B 16 16.39 12.68 6.19
C ASP B 16 16.45 13.54 7.43
N GLU B 17 16.31 14.86 7.30
CA GLU B 17 16.46 15.74 8.46
C GLU B 17 15.26 15.69 9.40
N ILE B 18 14.13 15.15 8.97
CA ILE B 18 12.93 15.16 9.82
C ILE B 18 13.14 14.21 10.99
N THR B 19 12.84 14.68 12.20
CA THR B 19 13.02 13.87 13.39
C THR B 19 11.83 12.94 13.57
N GLU B 20 12.04 11.91 14.38
CA GLU B 20 10.95 11.00 14.71
C GLU B 20 9.79 11.74 15.35
N ALA B 21 10.08 12.68 16.26
CA ALA B 21 9.03 13.46 16.89
C ALA B 21 8.26 14.28 15.86
N GLN B 22 8.94 14.80 14.85
CA GLN B 22 8.26 15.57 13.81
C GLN B 22 7.39 14.67 12.94
N LYS B 23 7.90 13.50 12.58
CA LYS B 23 7.08 12.54 11.84
C LYS B 23 5.81 12.21 12.62
N GLU B 24 5.92 11.99 13.92
CA GLU B 24 4.74 11.64 14.70
C GLU B 24 3.74 12.80 14.73
N GLU B 25 4.23 14.03 14.83
CA GLU B 25 3.32 15.20 14.82
C GLU B 25 2.59 15.29 13.48
N PHE B 26 3.31 15.04 12.38
CA PHE B 26 2.73 14.98 11.04
C PHE B 26 1.61 13.94 10.98
N ILE B 27 1.87 12.74 11.50
CA ILE B 27 0.87 11.68 11.45
C ILE B 27 -0.33 12.05 12.32
N LYS B 28 -0.07 12.53 13.53
CA LYS B 28 -1.16 12.94 14.41
C LYS B 28 -2.03 14.01 13.76
N THR B 29 -1.40 15.02 13.16
N THR B 29 -1.42 15.02 13.14
CA THR B 29 -2.16 16.08 12.47
CA THR B 29 -2.26 16.06 12.55
C THR B 29 -2.97 15.48 11.33
C THR B 29 -2.85 15.63 11.21
N TYR B 30 -2.42 14.49 10.65
CA TYR B 30 -3.07 13.96 9.45
C TYR B 30 -4.33 13.20 9.88
N VAL B 31 -4.21 12.39 10.94
CA VAL B 31 -5.34 11.63 11.45
C VAL B 31 -6.44 12.54 11.95
N ASN B 32 -6.09 13.73 12.46
CA ASN B 32 -7.12 14.66 12.89
C ASN B 32 -8.04 15.09 11.75
N LEU B 33 -7.61 14.92 10.50
CA LEU B 33 -8.45 15.33 9.39
C LEU B 33 -9.74 14.55 9.31
N VAL B 34 -9.77 13.34 9.86
CA VAL B 34 -10.99 12.54 9.83
C VAL B 34 -12.14 13.32 10.47
N ASN B 35 -11.84 14.07 11.52
CA ASN B 35 -12.84 14.85 12.25
C ASN B 35 -13.30 16.08 11.47
N ILE B 36 -12.62 16.46 10.39
CA ILE B 36 -12.89 17.69 9.69
C ILE B 36 -13.47 17.45 8.31
N ILE B 37 -12.95 16.44 7.59
CA ILE B 37 -13.29 16.20 6.20
C ILE B 37 -14.37 15.13 6.16
N PRO B 38 -15.59 15.44 5.72
CA PRO B 38 -16.66 14.43 5.72
C PRO B 38 -16.29 13.14 4.99
N ALA B 39 -15.59 13.24 3.86
CA ALA B 39 -15.37 12.05 3.03
C ALA B 39 -14.42 11.06 3.67
N MET B 40 -13.55 11.54 4.53
CA MET B 40 -12.51 10.74 5.14
C MET B 40 -13.14 9.91 6.25
N LYS B 41 -13.29 8.60 6.00
CA LYS B 41 -14.01 7.75 6.93
C LYS B 41 -13.10 7.22 8.04
N ASP B 42 -12.01 6.53 7.66
CA ASP B 42 -11.10 6.01 8.67
C ASP B 42 -9.67 6.07 8.16
N VAL B 43 -8.73 5.93 9.09
CA VAL B 43 -7.30 5.97 8.77
C VAL B 43 -6.59 4.87 9.55
N TYR B 44 -5.78 4.07 8.86
CA TYR B 44 -4.81 3.18 9.46
C TYR B 44 -3.46 3.53 8.88
N TRP B 45 -2.41 3.47 9.68
CA TRP B 45 -1.08 3.76 9.15
C TRP B 45 -0.09 2.76 9.74
N GLY B 46 1.07 2.69 9.12
CA GLY B 46 2.12 1.86 9.68
C GLY B 46 3.50 2.28 9.20
N LYS B 47 4.50 1.85 9.96
CA LYS B 47 5.89 2.04 9.57
C LYS B 47 6.46 0.71 9.06
N ASP B 48 7.08 0.76 7.89
CA ASP B 48 7.72 -0.42 7.34
C ASP B 48 8.86 -0.89 8.24
N VAL B 49 8.98 -2.21 8.38
CA VAL B 49 10.02 -2.81 9.21
C VAL B 49 11.04 -3.63 8.44
N THR B 50 10.81 -3.89 7.15
N THR B 50 10.83 -3.91 7.15
CA THR B 50 11.66 -4.79 6.38
CA THR B 50 11.77 -4.79 6.47
C THR B 50 12.72 -4.07 5.56
C THR B 50 12.74 -4.08 5.55
N GLN B 51 12.47 -2.83 5.15
CA GLN B 51 13.43 -1.99 4.44
C GLN B 51 14.03 -2.68 3.21
N LYS B 52 13.15 -3.10 2.30
CA LYS B 52 13.54 -3.92 1.17
C LYS B 52 13.63 -3.19 -0.15
N ASN B 53 13.46 -1.87 -0.18
CA ASN B 53 13.28 -1.18 -1.45
C ASN B 53 14.50 -0.36 -1.88
N LYS B 54 15.64 -0.53 -1.20
CA LYS B 54 16.92 0.01 -1.63
C LYS B 54 16.84 1.52 -1.88
N GLU B 55 17.05 1.96 -3.12
CA GLU B 55 17.08 3.39 -3.39
C GLU B 55 15.70 4.04 -3.31
N GLU B 56 14.63 3.25 -3.19
CA GLU B 56 13.28 3.79 -3.08
C GLU B 56 12.77 3.55 -1.67
N GLY B 57 13.44 4.17 -0.69
CA GLY B 57 13.23 3.85 0.71
C GLY B 57 12.02 4.46 1.40
N TYR B 58 10.83 4.24 0.86
CA TYR B 58 9.62 4.65 1.55
C TYR B 58 9.55 3.98 2.92
N THR B 59 9.04 4.71 3.91
CA THR B 59 9.02 4.23 5.28
C THR B 59 7.63 4.14 5.87
N HIS B 60 6.67 4.91 5.37
CA HIS B 60 5.39 5.03 6.03
C HIS B 60 4.28 4.77 5.05
N ILE B 61 3.22 4.12 5.54
N ILE B 61 3.26 4.09 5.55
CA ILE B 61 2.10 3.71 4.71
CA ILE B 61 2.09 3.69 4.78
C ILE B 61 0.82 4.08 5.43
C ILE B 61 0.86 4.24 5.48
N VAL B 62 -0.08 4.78 4.73
CA VAL B 62 -1.39 5.10 5.27
C VAL B 62 -2.49 4.63 4.33
N GLU B 63 -3.55 4.08 4.93
CA GLU B 63 -4.69 3.55 4.21
C GLU B 63 -5.94 4.25 4.69
N VAL B 64 -6.72 4.79 3.76
CA VAL B 64 -7.92 5.55 4.10
C VAL B 64 -9.05 5.03 3.21
N THR B 65 -10.19 4.69 3.84
N THR B 65 -10.19 4.72 3.83
CA THR B 65 -11.34 4.21 3.09
CA THR B 65 -11.33 4.20 3.07
C THR B 65 -12.23 5.39 2.71
C THR B 65 -12.29 5.33 2.73
N PHE B 66 -12.78 5.30 1.50
CA PHE B 66 -13.64 6.33 0.96
C PHE B 66 -14.81 5.66 0.26
N GLU B 67 -15.88 6.41 0.06
CA GLU B 67 -17.02 5.90 -0.71
C GLU B 67 -16.63 5.64 -2.17
N SER B 68 -15.91 6.59 -2.78
CA SER B 68 -15.67 6.52 -4.22
C SER B 68 -14.49 7.42 -4.59
N VAL B 69 -14.06 7.29 -5.85
CA VAL B 69 -13.03 8.20 -6.36
C VAL B 69 -13.49 9.65 -6.26
N GLU B 70 -14.77 9.91 -6.49
CA GLU B 70 -15.25 11.28 -6.40
C GLU B 70 -15.10 11.84 -4.98
N THR B 71 -15.33 11.01 -3.95
CA THR B 71 -15.21 11.54 -2.61
C THR B 71 -13.75 11.60 -2.16
N ILE B 72 -12.90 10.73 -2.71
CA ILE B 72 -11.46 10.96 -2.58
C ILE B 72 -11.10 12.35 -3.11
N GLN B 73 -11.61 12.69 -4.30
CA GLN B 73 -11.32 14.01 -4.85
C GLN B 73 -11.90 15.13 -3.97
N ASP B 74 -13.06 14.91 -3.33
CA ASP B 74 -13.53 15.88 -2.35
C ASP B 74 -12.48 16.10 -1.26
N TYR B 75 -11.91 15.00 -0.76
N TYR B 75 -11.90 15.01 -0.76
CA TYR B 75 -10.90 15.10 0.29
CA TYR B 75 -10.91 15.14 0.30
C TYR B 75 -9.67 15.83 -0.21
C TYR B 75 -9.66 15.84 -0.21
N ILE B 76 -9.28 15.60 -1.46
CA ILE B 76 -8.07 16.22 -2.00
C ILE B 76 -8.20 17.75 -1.98
N ILE B 77 -9.35 18.28 -2.38
CA ILE B 77 -9.50 19.73 -2.52
C ILE B 77 -10.10 20.38 -1.29
N HIS B 78 -10.45 19.60 -0.27
CA HIS B 78 -10.96 20.19 0.96
C HIS B 78 -9.90 21.13 1.55
N PRO B 79 -10.28 22.31 2.03
CA PRO B 79 -9.25 23.26 2.48
C PRO B 79 -8.39 22.76 3.63
N ALA B 80 -8.90 21.86 4.46
CA ALA B 80 -8.06 21.33 5.53
C ALA B 80 -7.05 20.34 4.98
N HIS B 81 -7.39 19.64 3.90
CA HIS B 81 -6.41 18.78 3.24
C HIS B 81 -5.39 19.60 2.46
N VAL B 82 -5.87 20.57 1.66
CA VAL B 82 -4.97 21.48 0.96
C VAL B 82 -4.01 22.15 1.94
N GLY B 83 -4.56 22.62 3.07
CA GLY B 83 -3.73 23.29 4.06
C GLY B 83 -2.68 22.38 4.66
N PHE B 84 -3.08 21.16 5.01
CA PHE B 84 -2.12 20.17 5.50
C PHE B 84 -1.03 19.93 4.48
N GLY B 85 -1.42 19.66 3.23
CA GLY B 85 -0.44 19.35 2.21
C GLY B 85 0.48 20.52 1.92
N ASP B 86 -0.09 21.73 1.88
CA ASP B 86 0.71 22.94 1.62
C ASP B 86 1.83 23.07 2.63
N VAL B 87 1.49 22.97 3.92
CA VAL B 87 2.44 23.34 4.96
C VAL B 87 3.38 22.22 5.33
N TYR B 88 3.09 20.98 4.97
N TYR B 88 3.08 20.98 4.95
CA TYR B 88 3.99 19.88 5.29
CA TYR B 88 3.92 19.84 5.27
C TYR B 88 4.70 19.34 4.07
C TYR B 88 4.56 19.21 4.03
N ARG B 89 4.33 19.78 2.86
CA ARG B 89 4.96 19.27 1.65
C ARG B 89 6.48 19.27 1.68
N SER B 90 7.08 20.27 2.31
CA SER B 90 8.53 20.27 2.43
C SER B 90 9.05 19.16 3.34
N PHE B 91 8.16 18.45 4.05
CA PHE B 91 8.58 17.37 4.93
C PHE B 91 9.04 16.13 4.15
N TRP B 92 8.44 15.85 3.01
CA TRP B 92 8.63 14.54 2.41
C TRP B 92 9.48 14.62 1.14
N GLU B 93 10.21 13.54 0.90
CA GLU B 93 11.09 13.39 -0.24
C GLU B 93 10.45 12.62 -1.39
N LYS B 94 9.65 11.60 -1.06
CA LYS B 94 9.01 10.74 -2.06
C LYS B 94 7.59 10.47 -1.59
N LEU B 95 6.64 10.46 -2.53
CA LEU B 95 5.23 10.25 -2.23
C LEU B 95 4.59 9.50 -3.38
N LEU B 96 3.90 8.39 -3.09
CA LEU B 96 3.09 7.72 -4.06
C LEU B 96 1.66 7.58 -3.53
N ILE B 97 0.69 7.70 -4.43
CA ILE B 97 -0.71 7.65 -4.11
C ILE B 97 -1.38 6.61 -5.01
N PHE B 98 -2.23 5.76 -4.42
CA PHE B 98 -3.01 4.78 -5.17
C PHE B 98 -4.45 4.76 -4.70
N ASP B 99 -5.37 4.55 -5.64
CA ASP B 99 -6.80 4.44 -5.33
C ASP B 99 -7.30 3.17 -6.00
N TYR B 100 -7.87 2.27 -5.20
CA TYR B 100 -8.26 0.98 -5.74
C TYR B 100 -9.33 0.35 -4.87
N THR B 101 -10.10 -0.55 -5.46
CA THR B 101 -11.07 -1.34 -4.74
C THR B 101 -10.47 -2.71 -4.48
N PRO B 102 -10.19 -3.09 -3.22
CA PRO B 102 -9.60 -4.41 -2.97
C PRO B 102 -10.57 -5.51 -3.36
N ARG B 103 -10.01 -6.59 -3.89
CA ARG B 103 -10.80 -7.72 -4.36
C ARG B 103 -10.00 -8.99 -4.11
N LYS B 104 -10.67 -10.12 -4.22
CA LYS B 104 -9.99 -11.40 -4.04
C LYS B 104 -9.56 -11.89 -5.42
#